data_8VL9
#
_entry.id   8VL9
#
_cell.length_a   116.657
_cell.length_b   177.873
_cell.length_c   103.824
_cell.angle_alpha   90.00
_cell.angle_beta   90.00
_cell.angle_gamma   90.00
#
_symmetry.space_group_name_H-M   'C 2 2 21'
#
loop_
_entity.id
_entity.type
_entity.pdbx_description
1 polymer 'von Hippel-Lindau disease tumor suppressor'
2 polymer Elongin-B
3 polymer Elongin-C
4 polymer 'Cysteine dioxygenase type 1'
5 non-polymer N-acetyl-3-methyl-L-valyl-(4R)-4-hydroxy-N-{[(4P)-4-(1H-pyrazol-3-yl)naphthalen-1-yl]methyl}-L-prolinamide
6 non-polymer 'CITRIC ACID'
7 non-polymer 'FE (II) ION'
8 water water
#
loop_
_entity_poly.entity_id
_entity_poly.type
_entity_poly.pdbx_seq_one_letter_code
_entity_poly.pdbx_strand_id
1 'polypeptide(L)'
;GPMEAGRPRPVLRSVNSREPSQVIFCNRSPRVVLPVWLNFDGEPQPYPTLPPGTGRRIHSYRGHLWLFRDAGTHDGLLVN
QTELFVPSLNVDGQPIFANITLPVYTLKERCLQVVRSLVKPENYRRLDIVRSLYEDLEDHPNVQKDLERLTQERIAHQRM
GD
;
A
2 'polypeptide(L)'
;MDVFLMIRRHKTTIFTDAKESSTVFELKRIVEGILKRPPDEQRLYKDDQLLDDGKTLGECGFTSQTARPQAPATVGLAFR
ADDTFEALCIEPFSSPPELPDVMKPQDSGSSANEQAVQ
;
B
3 'polypeptide(L)'
;MYVKLISSDGHEFIVKREHALTSGTIKAMLSGPGQFAENETNEVNFREIPSHVLSKVCMYFTYKVRYTNSSTEIPEFPIA
PEIALELLMAANFLDC
;
C
4 'polypeptide(L)'
;GMEQTEVLKPRTLADLIRILHQLFAGDEVNVEEVQAIMEAYESDPTEWAMYAKFDQYRYTRNLVDQGNGKFNLMILCWGE
GHGSSIHDHTNSHCFLKMLQGNLKETLFAWPDKKSNEMVKKSERVLRENQCAYINDSIGLHRVENISHTEPAVSLHLYSP
PFDTCHAFDQRTGHKNKVTMTFHSKFGIRTPNATSGSLENN
;
D
#
loop_
_chem_comp.id
_chem_comp.type
_chem_comp.name
_chem_comp.formula
A1ACI non-polymer N-acetyl-3-methyl-L-valyl-(4R)-4-hydroxy-N-{[(4P)-4-(1H-pyrazol-3-yl)naphthalen-1-yl]methyl}-L-prolinamide 'C27 H33 N5 O4'
CIT non-polymer 'CITRIC ACID' 'C6 H8 O7'
FE2 non-polymer 'FE (II) ION' 'Fe 2'
#
# COMPACT_ATOMS: atom_id res chain seq x y z
N PRO A 10 -4.32 -7.59 23.96
CA PRO A 10 -4.45 -6.81 22.72
C PRO A 10 -5.75 -7.11 21.98
N VAL A 11 -6.59 -6.10 21.76
CA VAL A 11 -7.88 -6.35 21.16
C VAL A 11 -7.78 -6.49 19.65
N LEU A 12 -6.82 -5.82 19.01
CA LEU A 12 -6.61 -5.92 17.57
C LEU A 12 -5.57 -6.99 17.31
N ARG A 13 -6.04 -8.20 17.01
CA ARG A 13 -5.18 -9.34 16.74
C ARG A 13 -6.01 -10.37 16.00
N SER A 14 -5.32 -11.25 15.28
CA SER A 14 -6.00 -12.34 14.59
C SER A 14 -6.38 -13.45 15.56
N VAL A 15 -7.55 -14.02 15.35
CA VAL A 15 -8.00 -15.17 16.14
C VAL A 15 -7.48 -16.43 15.46
N ASN A 16 -6.93 -17.35 16.26
CA ASN A 16 -6.41 -18.61 15.72
C ASN A 16 -7.58 -19.55 15.45
N SER A 17 -8.24 -19.30 14.32
CA SER A 17 -9.43 -20.08 13.97
C SER A 17 -9.07 -21.40 13.30
N ARG A 18 -8.00 -21.40 12.50
CA ARG A 18 -7.60 -22.54 11.67
C ARG A 18 -8.71 -22.95 10.70
N GLU A 19 -9.64 -22.04 10.42
CA GLU A 19 -10.68 -22.24 9.42
C GLU A 19 -10.28 -21.47 8.17
N PRO A 20 -9.75 -22.13 7.13
CA PRO A 20 -9.21 -21.40 5.99
C PRO A 20 -10.26 -20.56 5.28
N SER A 21 -9.77 -19.52 4.60
CA SER A 21 -10.62 -18.59 3.88
C SER A 21 -9.80 -17.97 2.75
N GLN A 22 -10.21 -18.24 1.51
CA GLN A 22 -9.54 -17.67 0.34
C GLN A 22 -9.89 -16.19 0.20
N VAL A 23 -8.87 -15.36 -0.01
CA VAL A 23 -9.05 -13.93 -0.17
C VAL A 23 -8.37 -13.49 -1.46
N ILE A 24 -8.99 -12.54 -2.15
CA ILE A 24 -8.37 -11.87 -3.29
C ILE A 24 -7.87 -10.52 -2.80
N PHE A 25 -6.55 -10.37 -2.69
CA PHE A 25 -5.96 -9.06 -2.50
C PHE A 25 -5.97 -8.33 -3.83
N CYS A 26 -6.44 -7.08 -3.82
CA CYS A 26 -6.54 -6.32 -5.06
C CYS A 26 -6.02 -4.91 -4.83
N ASN A 27 -4.92 -4.56 -5.48
CA ASN A 27 -4.30 -3.26 -5.32
C ASN A 27 -4.85 -2.30 -6.36
N ARG A 28 -5.58 -1.27 -5.89
CA ARG A 28 -6.06 -0.19 -6.76
C ARG A 28 -5.59 1.16 -6.31
N SER A 29 -4.48 1.19 -5.75
CA SER A 29 -3.79 2.44 -5.56
C SER A 29 -2.71 2.55 -6.61
N PRO A 30 -2.19 3.76 -6.86
CA PRO A 30 -0.97 3.89 -7.63
C PRO A 30 0.29 3.52 -6.83
N ARG A 31 0.13 3.03 -5.61
CA ARG A 31 1.25 2.72 -4.73
C ARG A 31 1.58 1.24 -4.77
N VAL A 32 2.82 0.92 -4.42
CA VAL A 32 3.22 -0.45 -4.13
C VAL A 32 2.74 -0.78 -2.73
N VAL A 33 1.83 -1.75 -2.62
CA VAL A 33 1.09 -1.99 -1.39
C VAL A 33 1.81 -3.05 -0.55
N LEU A 34 1.94 -2.78 0.75
CA LEU A 34 2.50 -3.75 1.69
C LEU A 34 1.37 -4.33 2.52
N PRO A 35 0.99 -5.58 2.31
CA PRO A 35 -0.02 -6.21 3.19
C PRO A 35 0.59 -6.50 4.56
N VAL A 36 -0.14 -6.14 5.61
CA VAL A 36 0.33 -6.29 6.98
C VAL A 36 -0.66 -7.18 7.71
N TRP A 37 -0.21 -8.36 8.12
CA TRP A 37 -1.00 -9.27 8.92
C TRP A 37 -0.69 -9.06 10.40
N LEU A 38 -1.74 -8.93 11.21
CA LEU A 38 -1.60 -8.83 12.66
C LEU A 38 -1.66 -10.23 13.24
N ASN A 39 -0.57 -10.68 13.84
CA ASN A 39 -0.48 -12.07 14.30
C ASN A 39 -1.32 -12.24 15.56
N PHE A 40 -1.22 -13.42 16.18
CA PHE A 40 -2.05 -13.75 17.34
C PHE A 40 -1.68 -12.97 18.59
N ASP A 41 -0.53 -12.29 18.59
CA ASP A 41 -0.15 -11.39 19.67
C ASP A 41 -0.41 -9.93 19.33
N GLY A 42 -1.04 -9.66 18.19
CA GLY A 42 -1.31 -8.30 17.76
C GLY A 42 -0.14 -7.57 17.13
N GLU A 43 0.94 -8.27 16.81
CA GLU A 43 2.09 -7.58 16.26
C GLU A 43 2.11 -7.67 14.74
N PRO A 44 2.47 -6.58 14.06
CA PRO A 44 2.41 -6.57 12.59
C PRO A 44 3.48 -7.46 11.97
N GLN A 45 3.08 -8.23 10.97
CA GLN A 45 4.00 -9.09 10.21
C GLN A 45 3.79 -8.81 8.73
N PRO A 46 4.78 -8.27 8.03
CA PRO A 46 4.57 -7.91 6.62
C PRO A 46 4.53 -9.15 5.73
N TYR A 47 3.99 -8.94 4.54
CA TYR A 47 3.84 -9.96 3.52
C TYR A 47 4.33 -9.41 2.19
N PRO A 48 4.52 -10.26 1.18
CA PRO A 48 5.05 -9.77 -0.11
C PRO A 48 4.20 -8.64 -0.68
N THR A 49 4.87 -7.71 -1.34
CA THR A 49 4.23 -6.49 -1.83
C THR A 49 3.39 -6.77 -3.07
N LEU A 50 2.47 -5.84 -3.35
CA LEU A 50 1.60 -5.91 -4.51
C LEU A 50 1.86 -4.70 -5.40
N PRO A 51 2.29 -4.88 -6.64
CA PRO A 51 2.43 -3.74 -7.55
C PRO A 51 1.07 -3.12 -7.85
N PRO A 52 1.04 -1.88 -8.32
CA PRO A 52 -0.23 -1.26 -8.70
C PRO A 52 -0.94 -2.06 -9.79
N GLY A 53 -2.24 -2.25 -9.63
CA GLY A 53 -3.03 -2.99 -10.59
C GLY A 53 -2.94 -4.49 -10.47
N THR A 54 -2.33 -5.01 -9.41
CA THR A 54 -2.09 -6.44 -9.24
C THR A 54 -3.13 -7.05 -8.32
N GLY A 55 -3.60 -8.24 -8.65
CA GLY A 55 -4.48 -9.00 -7.79
C GLY A 55 -3.97 -10.41 -7.59
N ARG A 56 -4.18 -10.93 -6.38
CA ARG A 56 -3.66 -12.25 -6.03
C ARG A 56 -4.66 -12.99 -5.14
N ARG A 57 -4.93 -14.25 -5.51
CA ARG A 57 -5.62 -15.17 -4.61
C ARG A 57 -4.66 -15.62 -3.53
N ILE A 58 -4.96 -15.29 -2.27
CA ILE A 58 -4.07 -15.67 -1.17
C ILE A 58 -4.85 -16.51 -0.17
N HIS A 59 -4.10 -17.25 0.65
CA HIS A 59 -4.64 -18.17 1.63
C HIS A 59 -4.60 -17.51 3.00
N SER A 60 -5.76 -17.38 3.64
CA SER A 60 -5.86 -16.79 4.97
C SER A 60 -6.91 -17.57 5.75
N TYR A 61 -7.35 -17.00 6.87
CA TYR A 61 -8.19 -17.71 7.81
C TYR A 61 -9.27 -16.78 8.36
N ARG A 62 -10.38 -17.40 8.80
CA ARG A 62 -11.45 -16.64 9.43
C ARG A 62 -10.93 -15.95 10.69
N GLY A 63 -11.30 -14.69 10.86
CA GLY A 63 -10.94 -13.94 12.05
C GLY A 63 -9.55 -13.36 12.06
N HIS A 64 -8.84 -13.39 10.93
CA HIS A 64 -7.51 -12.80 10.86
C HIS A 64 -7.60 -11.34 10.42
N LEU A 65 -6.71 -10.52 10.98
CA LEU A 65 -6.75 -9.08 10.76
C LEU A 65 -5.65 -8.64 9.81
N TRP A 66 -6.01 -7.77 8.87
CA TRP A 66 -5.10 -7.23 7.89
C TRP A 66 -5.24 -5.72 7.82
N LEU A 67 -4.12 -5.04 7.49
CA LEU A 67 -4.15 -3.65 7.07
C LEU A 67 -3.14 -3.50 5.94
N PHE A 68 -3.16 -2.34 5.29
CA PHE A 68 -2.40 -2.17 4.05
C PHE A 68 -1.76 -0.79 4.02
N ARG A 69 -0.48 -0.75 3.64
CA ARG A 69 0.31 0.46 3.66
C ARG A 69 1.06 0.63 2.35
N ASP A 70 1.56 1.84 2.13
CA ASP A 70 2.55 2.07 1.08
C ASP A 70 3.85 1.36 1.47
N ALA A 71 4.36 0.52 0.58
CA ALA A 71 5.54 -0.28 0.92
C ALA A 71 6.77 0.60 1.14
N GLY A 72 6.82 1.76 0.51
CA GLY A 72 8.00 2.61 0.60
C GLY A 72 7.93 3.64 1.72
N THR A 73 6.76 4.23 1.93
CA THR A 73 6.58 5.31 2.88
C THR A 73 5.75 4.92 4.10
N HIS A 74 5.04 3.80 4.05
CA HIS A 74 4.14 3.33 5.10
C HIS A 74 2.94 4.25 5.30
N ASP A 75 2.62 5.06 4.28
CA ASP A 75 1.35 5.76 4.26
C ASP A 75 0.21 4.76 4.38
N GLY A 76 -0.84 5.16 5.09
CA GLY A 76 -1.98 4.29 5.27
C GLY A 76 -2.86 4.21 4.04
N LEU A 77 -3.43 3.02 3.82
CA LEU A 77 -4.33 2.79 2.70
C LEU A 77 -5.62 2.16 3.22
N LEU A 78 -6.65 2.21 2.38
CA LEU A 78 -7.95 1.66 2.71
C LEU A 78 -8.15 0.32 2.03
N VAL A 79 -8.92 -0.55 2.69
CA VAL A 79 -9.33 -1.83 2.11
C VAL A 79 -10.84 -1.94 2.27
N ASN A 80 -11.56 -2.01 1.14
CA ASN A 80 -13.02 -1.96 1.14
C ASN A 80 -13.53 -0.74 1.89
N GLN A 81 -12.86 0.40 1.65
CA GLN A 81 -13.23 1.72 2.16
C GLN A 81 -13.11 1.85 3.68
N THR A 82 -12.28 1.05 4.33
CA THR A 82 -11.92 1.26 5.72
C THR A 82 -10.56 0.62 6.01
N GLU A 83 -10.08 0.82 7.24
CA GLU A 83 -8.67 0.66 7.55
C GLU A 83 -8.27 -0.79 7.86
N LEU A 84 -9.18 -1.61 8.38
CA LEU A 84 -8.87 -2.98 8.72
C LEU A 84 -9.75 -3.94 7.92
N PHE A 85 -9.23 -5.14 7.67
CA PHE A 85 -9.93 -6.15 6.89
C PHE A 85 -9.91 -7.46 7.65
N VAL A 86 -11.10 -8.00 7.93
CA VAL A 86 -11.24 -9.31 8.54
C VAL A 86 -12.09 -10.19 7.63
N PRO A 87 -11.52 -11.25 7.05
CA PRO A 87 -12.32 -12.12 6.19
C PRO A 87 -13.29 -12.95 7.01
N SER A 88 -14.50 -13.14 6.48
CA SER A 88 -15.45 -14.07 7.06
C SER A 88 -15.08 -15.49 6.64
N LEU A 89 -16.04 -16.41 6.71
CA LEU A 89 -15.85 -17.74 6.14
C LEU A 89 -16.40 -17.76 4.72
N ASN A 90 -15.71 -18.48 3.85
CA ASN A 90 -16.14 -18.56 2.45
C ASN A 90 -17.53 -19.17 2.36
N VAL A 91 -18.47 -18.41 1.83
CA VAL A 91 -19.85 -18.89 1.66
C VAL A 91 -19.90 -19.71 0.38
N ASP A 92 -20.00 -21.03 0.52
CA ASP A 92 -20.07 -21.96 -0.61
C ASP A 92 -18.83 -21.82 -1.51
N GLY A 93 -17.67 -21.64 -0.88
CA GLY A 93 -16.43 -21.60 -1.63
C GLY A 93 -16.20 -20.34 -2.44
N GLN A 94 -16.92 -19.27 -2.15
CA GLN A 94 -16.68 -18.01 -2.86
C GLN A 94 -15.54 -17.26 -2.20
N PRO A 95 -14.53 -16.83 -2.96
CA PRO A 95 -13.46 -16.03 -2.37
C PRO A 95 -14.00 -14.71 -1.84
N ILE A 96 -13.27 -14.15 -0.88
CA ILE A 96 -13.61 -12.86 -0.29
C ILE A 96 -12.68 -11.81 -0.86
N PHE A 97 -13.26 -10.69 -1.32
CA PHE A 97 -12.50 -9.67 -2.05
C PHE A 97 -12.02 -8.59 -1.09
N ALA A 98 -10.76 -8.20 -1.22
CA ALA A 98 -10.17 -7.11 -0.46
C ALA A 98 -9.68 -6.06 -1.45
N ASN A 99 -10.41 -4.96 -1.57
CA ASN A 99 -10.14 -3.92 -2.55
C ASN A 99 -9.32 -2.81 -1.90
N ILE A 100 -8.06 -2.68 -2.30
CA ILE A 100 -7.12 -1.76 -1.68
C ILE A 100 -7.06 -0.48 -2.50
N THR A 101 -7.38 0.64 -1.88
CA THR A 101 -7.42 1.93 -2.56
C THR A 101 -6.67 2.99 -1.76
N LEU A 102 -6.38 4.08 -2.44
CA LEU A 102 -5.98 5.30 -1.74
C LEU A 102 -7.15 5.82 -0.92
N PRO A 103 -6.92 6.35 0.27
CA PRO A 103 -7.91 7.21 0.90
C PRO A 103 -7.83 8.61 0.29
N VAL A 104 -8.86 9.40 0.57
CA VAL A 104 -8.80 10.83 0.27
C VAL A 104 -8.00 11.47 1.40
N TYR A 105 -6.70 11.64 1.20
CA TYR A 105 -5.88 12.31 2.19
C TYR A 105 -6.30 13.77 2.32
N THR A 106 -6.04 14.34 3.50
CA THR A 106 -6.11 15.78 3.61
C THR A 106 -5.03 16.41 2.74
N LEU A 107 -5.27 17.65 2.31
CA LEU A 107 -4.25 18.36 1.55
C LEU A 107 -2.96 18.46 2.35
N LYS A 108 -3.06 18.66 3.66
CA LYS A 108 -1.87 18.78 4.49
C LYS A 108 -1.08 17.49 4.54
N GLU A 109 -1.78 16.36 4.78
CA GLU A 109 -1.07 15.08 4.83
C GLU A 109 -0.49 14.72 3.47
N ARG A 110 -1.21 15.02 2.38
CA ARG A 110 -0.67 14.78 1.06
C ARG A 110 0.54 15.64 0.78
N CYS A 111 0.53 16.89 1.24
CA CYS A 111 1.70 17.76 1.08
C CYS A 111 2.88 17.24 1.89
N LEU A 112 2.62 16.74 3.09
CA LEU A 112 3.70 16.16 3.89
C LEU A 112 4.30 14.95 3.21
N GLN A 113 3.46 14.12 2.56
CA GLN A 113 3.97 12.97 1.83
C GLN A 113 4.92 13.40 0.72
N VAL A 114 4.57 14.46 -0.01
CA VAL A 114 5.38 14.90 -1.14
C VAL A 114 6.70 15.49 -0.66
N VAL A 115 6.66 16.31 0.39
CA VAL A 115 7.89 16.91 0.91
C VAL A 115 8.81 15.83 1.47
N ARG A 116 8.25 14.84 2.18
CA ARG A 116 9.05 13.75 2.70
C ARG A 116 9.75 12.98 1.59
N SER A 117 9.10 12.85 0.43
CA SER A 117 9.68 12.13 -0.70
C SER A 117 10.75 12.92 -1.42
N LEU A 118 10.90 14.21 -1.13
CA LEU A 118 11.87 15.06 -1.80
C LEU A 118 13.02 15.49 -0.92
N VAL A 119 12.86 15.49 0.41
CA VAL A 119 13.84 16.03 1.34
C VAL A 119 14.24 14.93 2.31
N LYS A 120 15.54 14.81 2.55
CA LYS A 120 16.03 13.86 3.53
C LYS A 120 15.65 14.31 4.94
N PRO A 121 15.36 13.38 5.85
CA PRO A 121 14.90 13.77 7.19
C PRO A 121 15.89 14.63 7.96
N GLU A 122 17.20 14.39 7.80
CA GLU A 122 18.20 15.25 8.44
C GLU A 122 18.19 16.67 7.89
N ASN A 123 17.38 16.93 6.85
CA ASN A 123 17.35 18.23 6.20
C ASN A 123 15.98 18.89 6.30
N TYR A 124 15.05 18.32 7.08
CA TYR A 124 13.72 18.88 7.22
C TYR A 124 13.78 20.32 7.73
N ARG A 125 14.60 20.57 8.75
CA ARG A 125 14.63 21.86 9.41
C ARG A 125 15.51 22.88 8.71
N ARG A 126 15.97 22.59 7.49
CA ARG A 126 16.56 23.58 6.60
C ARG A 126 15.51 24.20 5.68
N LEU A 127 14.24 23.87 5.86
CA LEU A 127 13.17 24.38 5.02
C LEU A 127 12.58 25.64 5.64
N ASP A 128 12.29 26.63 4.79
CA ASP A 128 11.74 27.90 5.26
C ASP A 128 10.24 27.76 5.45
N ILE A 129 9.88 27.01 6.49
CA ILE A 129 8.49 26.82 6.90
C ILE A 129 8.44 26.97 8.41
N VAL A 130 7.24 27.17 8.93
CA VAL A 130 7.10 27.39 10.35
C VAL A 130 7.40 26.11 11.10
N ARG A 131 7.85 26.25 12.34
CA ARG A 131 8.47 25.12 13.03
C ARG A 131 7.47 24.00 13.31
N SER A 132 6.20 24.35 13.58
CA SER A 132 5.20 23.31 13.85
C SER A 132 5.10 22.32 12.70
N LEU A 133 5.47 22.73 11.48
CA LEU A 133 5.48 21.82 10.34
C LEU A 133 6.71 20.92 10.33
N TYR A 134 7.80 21.32 11.01
CA TYR A 134 8.93 20.42 11.18
C TYR A 134 8.52 19.18 11.98
N GLU A 135 7.83 19.39 13.11
CA GLU A 135 7.35 18.26 13.90
C GLU A 135 6.38 17.40 13.09
N ASP A 136 5.56 18.04 12.25
CA ASP A 136 4.62 17.28 11.42
C ASP A 136 5.36 16.43 10.40
N LEU A 137 6.39 16.99 9.76
CA LEU A 137 7.18 16.22 8.80
C LEU A 137 7.84 15.02 9.46
N GLU A 138 8.36 15.21 10.68
CA GLU A 138 9.06 14.14 11.37
C GLU A 138 8.11 13.05 11.88
N ASP A 139 6.84 13.38 12.11
CA ASP A 139 5.87 12.40 12.56
C ASP A 139 5.50 11.47 11.41
N HIS A 140 6.42 10.57 11.05
CA HIS A 140 6.24 9.74 9.88
C HIS A 140 5.12 8.73 10.11
N PRO A 141 4.32 8.42 9.08
CA PRO A 141 3.27 7.42 9.24
C PRO A 141 3.84 6.10 9.72
N ASN A 142 3.13 5.49 10.68
CA ASN A 142 3.64 4.30 11.35
C ASN A 142 2.47 3.40 11.72
N VAL A 143 2.66 2.09 11.52
CA VAL A 143 1.60 1.12 11.78
C VAL A 143 1.27 1.07 13.26
N GLN A 144 2.28 1.17 14.13
CA GLN A 144 2.04 1.04 15.56
C GLN A 144 1.21 2.19 16.10
N LYS A 145 1.43 3.41 15.59
CA LYS A 145 0.63 4.54 16.05
C LYS A 145 -0.81 4.42 15.58
N ASP A 146 -1.03 3.95 14.34
CA ASP A 146 -2.38 3.75 13.85
C ASP A 146 -3.10 2.66 14.63
N LEU A 147 -2.38 1.59 14.99
CA LEU A 147 -2.98 0.54 15.82
C LEU A 147 -3.43 1.10 17.16
N GLU A 148 -2.67 2.06 17.70
CA GLU A 148 -3.09 2.72 18.94
C GLU A 148 -4.43 3.40 18.78
N ARG A 149 -4.56 4.25 17.76
CA ARG A 149 -5.81 4.96 17.54
C ARG A 149 -6.95 3.99 17.23
N LEU A 150 -6.70 3.00 16.38
CA LEU A 150 -7.74 2.04 16.01
C LEU A 150 -8.19 1.23 17.23
N THR A 151 -7.25 0.89 18.12
CA THR A 151 -7.61 0.14 19.32
C THR A 151 -8.54 0.95 20.21
N GLN A 152 -8.16 2.21 20.50
CA GLN A 152 -9.00 3.05 21.34
C GLN A 152 -10.27 3.48 20.62
N GLU A 153 -10.25 3.52 19.28
CA GLU A 153 -11.47 3.84 18.55
C GLU A 153 -12.51 2.75 18.73
N ARG A 154 -12.07 1.49 18.78
CA ARG A 154 -13.01 0.38 18.89
C ARG A 154 -13.53 0.20 20.31
N ILE A 155 -12.69 0.45 21.32
CA ILE A 155 -13.17 0.34 22.71
C ILE A 155 -14.25 1.40 22.97
N ALA A 156 -14.11 2.57 22.36
CA ALA A 156 -15.16 3.58 22.41
C ALA A 156 -16.17 3.24 21.32
N HIS A 157 -17.02 2.27 21.64
CA HIS A 157 -17.93 1.64 20.68
C HIS A 157 -18.70 2.63 19.83
N MET B 1 -20.88 11.38 -17.78
CA MET B 1 -19.44 11.57 -17.72
C MET B 1 -19.07 13.06 -17.59
N ASP B 2 -18.43 13.41 -16.47
CA ASP B 2 -18.21 14.81 -16.11
C ASP B 2 -16.82 15.29 -16.51
N VAL B 3 -16.75 16.54 -16.97
CA VAL B 3 -15.49 17.25 -17.17
C VAL B 3 -15.43 18.39 -16.16
N PHE B 4 -14.22 18.76 -15.77
CA PHE B 4 -14.00 19.75 -14.73
C PHE B 4 -13.19 20.90 -15.29
N LEU B 5 -13.67 22.13 -15.07
CA LEU B 5 -13.22 23.27 -15.84
C LEU B 5 -12.82 24.44 -14.94
N MET B 6 -11.91 25.26 -15.46
CA MET B 6 -11.61 26.59 -14.94
C MET B 6 -11.99 27.60 -16.01
N ILE B 7 -13.08 28.32 -15.80
CA ILE B 7 -13.49 29.38 -16.72
C ILE B 7 -12.80 30.66 -16.28
N ARG B 8 -11.96 31.20 -17.14
CA ARG B 8 -11.02 32.25 -16.76
C ARG B 8 -11.21 33.50 -17.62
N ARG B 9 -11.17 34.65 -16.97
CA ARG B 9 -11.23 35.94 -17.64
C ARG B 9 -10.57 36.96 -16.73
N HIS B 10 -9.59 37.68 -17.26
CA HIS B 10 -8.81 38.65 -16.49
C HIS B 10 -8.26 38.00 -15.23
N LYS B 11 -8.73 38.44 -14.05
CA LYS B 11 -8.30 37.89 -12.78
C LYS B 11 -9.43 37.10 -12.10
N THR B 12 -10.38 36.60 -12.89
CA THR B 12 -11.48 35.80 -12.39
C THR B 12 -11.32 34.36 -12.86
N THR B 13 -11.51 33.41 -11.94
CA THR B 13 -11.43 31.99 -12.26
C THR B 13 -12.61 31.28 -11.61
N ILE B 14 -13.48 30.71 -12.44
CA ILE B 14 -14.64 29.96 -11.96
C ILE B 14 -14.31 28.48 -12.04
N PHE B 15 -14.47 27.78 -10.92
CA PHE B 15 -14.36 26.32 -10.87
C PHE B 15 -15.76 25.73 -10.98
N THR B 16 -16.00 24.94 -12.02
CA THR B 16 -17.29 24.29 -12.19
C THR B 16 -17.09 23.04 -13.04
N ASP B 17 -18.12 22.18 -13.04
CA ASP B 17 -18.12 20.95 -13.80
C ASP B 17 -19.32 20.92 -14.73
N ALA B 18 -19.27 20.01 -15.70
CA ALA B 18 -20.36 19.83 -16.64
C ALA B 18 -20.20 18.45 -17.28
N LYS B 19 -21.25 18.02 -17.97
CA LYS B 19 -21.21 16.75 -18.68
C LYS B 19 -20.42 16.90 -19.96
N GLU B 20 -19.68 15.84 -20.31
CA GLU B 20 -18.99 15.80 -21.60
C GLU B 20 -19.98 15.96 -22.75
N SER B 21 -21.24 15.60 -22.53
CA SER B 21 -22.29 15.69 -23.54
C SER B 21 -23.06 17.00 -23.50
N SER B 22 -22.75 17.90 -22.56
CA SER B 22 -23.39 19.20 -22.54
C SER B 22 -22.76 20.12 -23.58
N THR B 23 -23.51 21.15 -23.96
CA THR B 23 -23.12 22.04 -25.05
C THR B 23 -22.43 23.28 -24.52
N VAL B 24 -21.77 24.00 -25.45
CA VAL B 24 -21.15 25.28 -25.11
C VAL B 24 -22.18 26.28 -24.63
N PHE B 25 -23.36 26.27 -25.26
CA PHE B 25 -24.42 27.19 -24.86
C PHE B 25 -24.87 26.93 -23.42
N GLU B 26 -25.01 25.66 -23.06
CA GLU B 26 -25.36 25.33 -21.67
C GLU B 26 -24.30 25.84 -20.70
N LEU B 27 -23.04 25.85 -21.11
CA LEU B 27 -21.98 26.40 -20.26
C LEU B 27 -22.15 27.90 -20.09
N LYS B 28 -22.56 28.60 -21.14
CA LYS B 28 -22.81 30.03 -21.02
C LYS B 28 -23.98 30.32 -20.09
N ARG B 29 -24.95 29.42 -20.02
CA ARG B 29 -26.03 29.56 -19.05
C ARG B 29 -25.50 29.47 -17.63
N ILE B 30 -24.51 28.59 -17.40
CA ILE B 30 -23.87 28.50 -16.09
C ILE B 30 -23.11 29.79 -15.77
N VAL B 31 -22.37 30.31 -16.74
CA VAL B 31 -21.64 31.56 -16.54
C VAL B 31 -22.62 32.69 -16.26
N GLU B 32 -23.79 32.66 -16.92
CA GLU B 32 -24.79 33.71 -16.71
C GLU B 32 -25.27 33.73 -15.28
N GLY B 33 -25.53 32.55 -14.69
CA GLY B 33 -25.97 32.50 -13.31
C GLY B 33 -24.94 33.01 -12.31
N ILE B 34 -23.67 33.05 -12.70
CA ILE B 34 -22.59 33.47 -11.82
C ILE B 34 -22.20 34.92 -12.04
N LEU B 35 -21.96 35.31 -13.30
CA LEU B 35 -21.48 36.65 -13.61
C LEU B 35 -22.55 37.55 -14.21
N LYS B 36 -23.79 37.08 -14.30
CA LYS B 36 -24.93 37.92 -14.68
C LYS B 36 -24.73 38.57 -16.06
N ARG B 37 -24.38 37.75 -17.04
CA ARG B 37 -24.27 38.19 -18.43
C ARG B 37 -24.89 37.11 -19.29
N PRO B 38 -25.84 37.46 -20.16
CA PRO B 38 -26.51 36.45 -20.98
C PRO B 38 -25.57 35.84 -22.01
N PRO B 39 -25.90 34.67 -22.54
CA PRO B 39 -24.98 34.00 -23.48
C PRO B 39 -24.69 34.81 -24.73
N ASP B 40 -25.62 35.66 -25.17
CA ASP B 40 -25.37 36.50 -26.34
C ASP B 40 -24.20 37.45 -26.14
N GLU B 41 -23.84 37.75 -24.89
CA GLU B 41 -22.74 38.64 -24.57
C GLU B 41 -21.48 37.88 -24.17
N GLN B 42 -21.39 36.60 -24.51
CA GLN B 42 -20.29 35.76 -24.06
C GLN B 42 -19.59 35.10 -25.24
N ARG B 43 -18.29 34.90 -25.09
CA ARG B 43 -17.49 34.10 -26.00
C ARG B 43 -16.64 33.14 -25.18
N LEU B 44 -16.62 31.87 -25.58
CA LEU B 44 -15.86 30.85 -24.89
C LEU B 44 -14.80 30.28 -25.82
N TYR B 45 -13.59 30.11 -25.29
CA TYR B 45 -12.45 29.67 -26.07
C TYR B 45 -11.81 28.46 -25.44
N LYS B 46 -11.28 27.58 -26.29
CA LYS B 46 -10.35 26.53 -25.89
C LYS B 46 -9.00 26.93 -26.46
N ASP B 47 -8.10 27.39 -25.58
CA ASP B 47 -6.90 28.11 -25.98
C ASP B 47 -7.31 29.37 -26.73
N ASP B 48 -7.06 29.40 -28.05
CA ASP B 48 -7.45 30.54 -28.88
C ASP B 48 -8.57 30.21 -29.83
N GLN B 49 -9.09 28.98 -29.81
CA GLN B 49 -10.17 28.57 -30.70
C GLN B 49 -11.51 28.94 -30.07
N LEU B 50 -12.24 29.84 -30.72
CA LEU B 50 -13.59 30.18 -30.25
C LEU B 50 -14.52 28.99 -30.49
N LEU B 51 -15.37 28.72 -29.51
CA LEU B 51 -16.24 27.56 -29.53
C LEU B 51 -17.65 27.96 -29.95
N ASP B 52 -18.26 27.14 -30.79
CA ASP B 52 -19.61 27.41 -31.27
C ASP B 52 -20.64 26.91 -30.26
N ASP B 53 -21.76 27.65 -30.19
CA ASP B 53 -22.75 27.42 -29.13
C ASP B 53 -23.30 25.99 -29.17
N GLY B 54 -23.57 25.48 -30.37
CA GLY B 54 -24.23 24.19 -30.51
C GLY B 54 -23.36 22.97 -30.29
N LYS B 55 -22.04 23.12 -30.28
CA LYS B 55 -21.15 21.98 -30.15
C LYS B 55 -21.05 21.51 -28.72
N THR B 56 -20.89 20.20 -28.55
CA THR B 56 -20.77 19.62 -27.22
C THR B 56 -19.35 19.80 -26.68
N LEU B 57 -19.22 19.71 -25.36
CA LEU B 57 -17.92 19.91 -24.72
C LEU B 57 -16.91 18.85 -25.16
N GLY B 58 -17.38 17.61 -25.32
CA GLY B 58 -16.49 16.55 -25.78
C GLY B 58 -15.97 16.81 -27.18
N GLU B 59 -16.85 17.28 -28.07
CA GLU B 59 -16.44 17.61 -29.44
C GLU B 59 -15.46 18.78 -29.45
N CYS B 60 -15.51 19.66 -28.46
CA CYS B 60 -14.56 20.75 -28.37
C CYS B 60 -13.20 20.31 -27.86
N GLY B 61 -13.11 19.12 -27.25
CA GLY B 61 -11.86 18.59 -26.73
C GLY B 61 -11.83 18.42 -25.22
N PHE B 62 -12.89 18.74 -24.49
CA PHE B 62 -12.91 18.59 -23.04
C PHE B 62 -13.40 17.19 -22.71
N THR B 63 -12.47 16.31 -22.30
CA THR B 63 -12.77 14.93 -21.96
C THR B 63 -12.37 14.64 -20.52
N SER B 64 -12.70 13.43 -20.06
CA SER B 64 -12.34 12.99 -18.71
C SER B 64 -10.84 12.88 -18.51
N GLN B 65 -10.08 12.65 -19.56
CA GLN B 65 -8.65 12.50 -19.42
C GLN B 65 -7.92 13.84 -19.42
N THR B 66 -8.55 14.89 -19.95
CA THR B 66 -7.94 16.19 -20.05
C THR B 66 -8.58 17.24 -19.15
N ALA B 67 -9.68 16.91 -18.46
CA ALA B 67 -10.41 17.85 -17.60
C ALA B 67 -10.80 17.14 -16.30
N ARG B 68 -9.81 16.82 -15.49
CA ARG B 68 -10.00 16.05 -14.28
C ARG B 68 -10.21 16.97 -13.08
N PRO B 69 -10.81 16.45 -12.00
CA PRO B 69 -11.03 17.31 -10.81
C PRO B 69 -9.74 17.90 -10.24
N GLN B 70 -8.69 17.09 -10.14
CA GLN B 70 -7.41 17.54 -9.62
C GLN B 70 -6.58 18.29 -10.65
N ALA B 71 -7.05 18.39 -11.89
CA ALA B 71 -6.37 19.12 -12.94
C ALA B 71 -7.37 19.60 -13.98
N PRO B 72 -8.17 20.62 -13.67
CA PRO B 72 -9.24 21.02 -14.60
C PRO B 72 -8.69 21.68 -15.85
N ALA B 73 -9.50 21.63 -16.91
CA ALA B 73 -9.19 22.28 -18.17
C ALA B 73 -9.65 23.73 -18.13
N THR B 74 -8.95 24.58 -18.89
CA THR B 74 -9.19 26.01 -18.87
C THR B 74 -10.07 26.42 -20.04
N VAL B 75 -11.12 27.18 -19.76
CA VAL B 75 -11.98 27.77 -20.78
C VAL B 75 -11.83 29.28 -20.70
N GLY B 76 -11.45 29.90 -21.81
CA GLY B 76 -11.34 31.35 -21.86
C GLY B 76 -12.71 32.00 -22.00
N LEU B 77 -12.89 33.13 -21.34
CA LEU B 77 -14.15 33.86 -21.36
C LEU B 77 -13.91 35.31 -21.74
N ALA B 78 -14.65 35.78 -22.73
CA ALA B 78 -14.61 37.17 -23.16
C ALA B 78 -16.02 37.73 -23.17
N PHE B 79 -16.21 38.87 -22.52
CA PHE B 79 -17.49 39.56 -22.52
C PHE B 79 -17.56 40.55 -23.68
N ARG B 80 -18.77 41.01 -23.97
CA ARG B 80 -18.97 42.02 -25.00
C ARG B 80 -19.50 43.30 -24.35
N ALA B 81 -18.80 44.40 -24.58
CA ALA B 81 -19.20 45.70 -24.06
C ALA B 81 -19.84 46.49 -25.19
N ASP B 82 -21.16 46.71 -25.08
CA ASP B 82 -21.91 47.52 -26.02
C ASP B 82 -21.81 47.00 -27.45
N ASP B 83 -21.01 47.67 -28.29
CA ASP B 83 -20.97 47.30 -29.71
C ASP B 83 -20.25 45.97 -29.92
N THR B 84 -19.02 45.85 -29.40
CA THR B 84 -18.10 44.82 -29.86
C THR B 84 -17.52 44.04 -28.68
N PHE B 85 -16.96 42.88 -29.02
CA PHE B 85 -16.40 41.97 -28.02
C PHE B 85 -14.99 42.38 -27.63
N GLU B 86 -14.69 42.29 -26.33
CA GLU B 86 -13.35 42.51 -25.85
C GLU B 86 -12.42 41.40 -26.34
N ALA B 87 -11.13 41.70 -26.37
CA ALA B 87 -10.14 40.68 -26.66
C ALA B 87 -10.02 39.72 -25.48
N LEU B 88 -9.90 38.44 -25.78
CA LEU B 88 -9.70 37.45 -24.73
C LEU B 88 -8.43 37.76 -23.96
N CYS B 89 -8.58 38.06 -22.68
CA CYS B 89 -7.45 38.43 -21.82
C CYS B 89 -7.52 37.64 -20.53
N ILE B 90 -6.48 36.88 -20.23
CA ILE B 90 -6.39 36.08 -19.01
C ILE B 90 -5.03 36.35 -18.39
N GLU B 91 -5.03 36.83 -17.13
CA GLU B 91 -3.71 37.03 -16.52
C GLU B 91 -3.26 35.75 -15.83
N PRO B 92 -2.03 35.30 -16.07
CA PRO B 92 -1.54 34.08 -15.43
C PRO B 92 -1.48 34.21 -13.92
N PHE B 93 -1.44 33.06 -13.25
CA PHE B 93 -1.22 33.04 -11.82
C PHE B 93 0.22 33.41 -11.50
N SER B 94 0.49 33.63 -10.22
CA SER B 94 1.85 33.92 -9.78
C SER B 94 2.75 32.71 -10.02
N SER B 95 4.05 32.92 -9.84
CA SER B 95 4.96 31.81 -10.06
C SER B 95 5.63 31.43 -8.75
N PRO B 96 5.85 30.13 -8.51
CA PRO B 96 6.49 29.71 -7.26
C PRO B 96 7.95 30.15 -7.25
N PRO B 97 8.57 30.24 -6.07
CA PRO B 97 10.01 30.51 -6.02
C PRO B 97 10.79 29.33 -6.59
N GLU B 98 12.05 29.60 -6.90
CA GLU B 98 12.91 28.53 -7.41
C GLU B 98 13.06 27.44 -6.37
N LEU B 99 13.12 26.19 -6.83
CA LEU B 99 13.11 25.04 -5.94
C LEU B 99 14.30 25.10 -4.99
N PRO B 100 14.08 24.93 -3.69
CA PRO B 100 15.21 24.90 -2.75
C PRO B 100 16.17 23.77 -3.10
N ASP B 101 17.46 24.03 -2.91
CA ASP B 101 18.48 23.05 -3.29
C ASP B 101 18.35 21.76 -2.50
N VAL B 102 17.87 21.86 -1.26
CA VAL B 102 17.68 20.67 -0.44
C VAL B 102 16.49 19.83 -0.90
N MET B 103 15.72 20.34 -1.86
CA MET B 103 14.73 19.54 -2.58
C MET B 103 15.25 19.11 -3.94
N LYS B 104 16.54 18.76 -4.01
CA LYS B 104 17.27 18.46 -5.25
C LYS B 104 16.98 19.50 -6.34
N MET C 1 -24.80 29.98 -3.48
CA MET C 1 -24.21 28.68 -3.77
C MET C 1 -22.71 28.81 -4.03
N TYR C 2 -22.30 29.94 -4.57
CA TYR C 2 -20.90 30.20 -4.90
C TYR C 2 -20.31 31.23 -3.94
N VAL C 3 -19.01 31.09 -3.69
CA VAL C 3 -18.26 31.99 -2.84
C VAL C 3 -17.01 32.44 -3.60
N LYS C 4 -16.53 33.63 -3.29
CA LYS C 4 -15.36 34.20 -3.95
C LYS C 4 -14.18 34.18 -2.98
N LEU C 5 -13.09 33.55 -3.40
CA LEU C 5 -11.84 33.53 -2.65
C LEU C 5 -10.80 34.34 -3.40
N ILE C 6 -10.16 35.27 -2.70
CA ILE C 6 -9.25 36.23 -3.31
C ILE C 6 -7.85 35.99 -2.77
N SER C 7 -6.89 35.81 -3.68
CA SER C 7 -5.51 35.57 -3.30
C SER C 7 -4.81 36.88 -2.96
N SER C 8 -3.57 36.77 -2.48
CA SER C 8 -2.82 37.96 -2.08
C SER C 8 -2.46 38.83 -3.27
N ASP C 9 -2.26 38.23 -4.45
CA ASP C 9 -1.96 39.00 -5.66
C ASP C 9 -3.20 39.41 -6.42
N GLY C 10 -4.39 39.22 -5.85
CA GLY C 10 -5.59 39.80 -6.39
C GLY C 10 -6.42 38.91 -7.30
N HIS C 11 -6.05 37.65 -7.47
CA HIS C 11 -6.84 36.74 -8.28
C HIS C 11 -8.10 36.31 -7.52
N GLU C 12 -9.22 36.32 -8.23
CA GLU C 12 -10.52 36.00 -7.64
C GLU C 12 -10.93 34.60 -8.09
N PHE C 13 -11.22 33.73 -7.13
CA PHE C 13 -11.58 32.34 -7.39
C PHE C 13 -13.00 32.12 -6.91
N ILE C 14 -13.90 31.85 -7.86
CA ILE C 14 -15.30 31.58 -7.56
C ILE C 14 -15.50 30.07 -7.55
N VAL C 15 -15.74 29.51 -6.37
CA VAL C 15 -15.96 28.08 -6.21
C VAL C 15 -17.28 27.87 -5.47
N LYS C 16 -17.81 26.66 -5.62
CA LYS C 16 -19.05 26.32 -4.93
C LYS C 16 -18.84 26.38 -3.42
N ARG C 17 -19.84 26.91 -2.71
CA ARG C 17 -19.73 27.09 -1.27
C ARG C 17 -19.41 25.79 -0.56
N GLU C 18 -20.09 24.69 -0.96
CA GLU C 18 -19.88 23.41 -0.30
C GLU C 18 -18.50 22.83 -0.60
N HIS C 19 -17.92 23.17 -1.76
CA HIS C 19 -16.54 22.82 -2.00
C HIS C 19 -15.60 23.54 -1.03
N ALA C 20 -15.83 24.84 -0.82
CA ALA C 20 -14.96 25.61 0.05
C ALA C 20 -15.03 25.15 1.50
N LEU C 21 -16.17 24.60 1.91
CA LEU C 21 -16.29 24.09 3.28
C LEU C 21 -15.43 22.85 3.52
N THR C 22 -14.75 22.33 2.49
CA THR C 22 -13.73 21.32 2.70
C THR C 22 -12.64 21.82 3.65
N SER C 23 -12.36 23.12 3.60
CA SER C 23 -11.41 23.73 4.53
C SER C 23 -12.07 23.92 5.89
N GLY C 24 -11.46 23.36 6.93
CA GLY C 24 -12.00 23.52 8.27
C GLY C 24 -11.99 24.97 8.73
N THR C 25 -11.01 25.75 8.28
CA THR C 25 -10.98 27.17 8.62
C THR C 25 -12.13 27.91 7.95
N ILE C 26 -12.35 27.67 6.65
CA ILE C 26 -13.44 28.31 5.96
C ILE C 26 -14.78 27.82 6.49
N LYS C 27 -14.87 26.54 6.86
CA LYS C 27 -16.12 26.03 7.43
C LYS C 27 -16.43 26.68 8.76
N ALA C 28 -15.42 26.87 9.61
CA ALA C 28 -15.65 27.58 10.86
C ALA C 28 -16.08 29.02 10.60
N MET C 29 -15.53 29.64 9.55
CA MET C 29 -15.88 31.02 9.24
C MET C 29 -17.35 31.15 8.87
N LEU C 30 -17.82 30.32 7.95
CA LEU C 30 -19.08 30.56 7.26
C LEU C 30 -20.23 29.66 7.72
N SER C 31 -19.97 28.68 8.58
CA SER C 31 -21.06 27.83 9.05
C SER C 31 -21.82 28.44 10.22
N GLY C 32 -21.19 29.30 11.00
CA GLY C 32 -21.84 29.92 12.13
C GLY C 32 -22.15 31.38 11.90
N PRO C 33 -21.98 32.21 12.94
CA PRO C 33 -22.34 33.62 12.83
C PRO C 33 -21.45 34.43 11.91
N GLY C 34 -20.31 33.89 11.48
CA GLY C 34 -19.52 34.55 10.47
C GLY C 34 -20.11 34.50 9.08
N GLN C 35 -21.22 33.79 8.90
CA GLN C 35 -21.84 33.68 7.58
C GLN C 35 -22.18 35.05 7.02
N PHE C 36 -22.02 35.19 5.71
CA PHE C 36 -22.34 36.44 5.03
C PHE C 36 -23.81 36.78 5.21
N ALA C 37 -24.09 37.92 5.84
CA ALA C 37 -25.40 38.52 5.69
C ALA C 37 -25.62 38.86 4.23
N GLU C 38 -26.89 38.86 3.79
CA GLU C 38 -27.05 39.05 2.36
C GLU C 38 -26.94 40.53 1.96
N ASN C 39 -26.67 41.43 2.90
CA ASN C 39 -26.18 42.73 2.47
C ASN C 39 -24.68 42.72 2.22
N GLU C 40 -23.99 41.62 2.50
CA GLU C 40 -22.55 41.53 2.40
C GLU C 40 -22.13 40.82 1.11
N THR C 41 -20.92 41.14 0.67
CA THR C 41 -20.31 40.46 -0.47
C THR C 41 -19.71 39.13 -0.01
N ASN C 42 -20.08 38.05 -0.69
CA ASN C 42 -19.55 36.74 -0.33
C ASN C 42 -18.09 36.62 -0.79
N GLU C 43 -17.21 37.36 -0.12
CA GLU C 43 -15.79 37.42 -0.48
C GLU C 43 -14.95 37.11 0.76
N VAL C 44 -13.92 36.31 0.58
CA VAL C 44 -12.92 36.05 1.60
C VAL C 44 -11.55 36.36 1.02
N ASN C 45 -10.80 37.22 1.71
CA ASN C 45 -9.47 37.61 1.28
C ASN C 45 -8.43 36.80 2.05
N PHE C 46 -7.52 36.16 1.32
CA PHE C 46 -6.38 35.45 1.90
C PHE C 46 -5.14 36.24 1.49
N ARG C 47 -4.78 37.22 2.31
CA ARG C 47 -3.73 38.17 1.96
C ARG C 47 -2.33 37.60 2.03
N GLU C 48 -2.18 36.29 2.29
CA GLU C 48 -0.86 35.67 2.32
C GLU C 48 -0.80 34.36 1.55
N ILE C 49 -1.80 34.04 0.75
CA ILE C 49 -1.79 32.87 -0.10
C ILE C 49 -1.76 33.35 -1.55
N PRO C 50 -0.66 33.13 -2.28
CA PRO C 50 -0.61 33.56 -3.68
C PRO C 50 -1.53 32.72 -4.55
N SER C 51 -1.79 33.23 -5.75
CA SER C 51 -2.82 32.64 -6.61
C SER C 51 -2.43 31.27 -7.10
N HIS C 52 -1.14 31.05 -7.39
CA HIS C 52 -0.72 29.73 -7.86
C HIS C 52 -0.89 28.67 -6.78
N VAL C 53 -0.97 29.07 -5.51
CA VAL C 53 -1.28 28.15 -4.43
C VAL C 53 -2.78 28.05 -4.21
N LEU C 54 -3.49 29.19 -4.26
CA LEU C 54 -4.93 29.18 -3.99
C LEU C 54 -5.69 28.42 -5.08
N SER C 55 -5.27 28.56 -6.34
CA SER C 55 -5.87 27.77 -7.41
C SER C 55 -5.66 26.29 -7.17
N LYS C 56 -4.48 25.91 -6.68
CA LYS C 56 -4.21 24.51 -6.37
C LYS C 56 -5.09 24.02 -5.23
N VAL C 57 -5.35 24.88 -4.24
CA VAL C 57 -6.23 24.52 -3.13
C VAL C 57 -7.64 24.26 -3.63
N CYS C 58 -8.12 25.11 -4.55
CA CYS C 58 -9.46 24.93 -5.10
C CYS C 58 -9.55 23.65 -5.92
N MET C 59 -8.46 23.28 -6.60
CA MET C 59 -8.42 21.99 -7.28
C MET C 59 -8.55 20.85 -6.27
N TYR C 60 -7.98 21.01 -5.08
CA TYR C 60 -8.13 19.99 -4.06
C TYR C 60 -9.58 19.94 -3.56
N PHE C 61 -10.23 21.10 -3.46
CA PHE C 61 -11.64 21.13 -3.09
C PHE C 61 -12.46 20.27 -4.04
N THR C 62 -12.28 20.48 -5.35
CA THR C 62 -12.98 19.68 -6.35
C THR C 62 -12.66 18.21 -6.18
N TYR C 63 -11.37 17.88 -6.03
CA TYR C 63 -10.95 16.49 -5.91
C TYR C 63 -11.56 15.82 -4.70
N LYS C 64 -11.56 16.50 -3.56
CA LYS C 64 -12.10 15.91 -2.33
C LYS C 64 -13.59 15.65 -2.45
N VAL C 65 -14.34 16.61 -2.98
CA VAL C 65 -15.78 16.43 -3.10
C VAL C 65 -16.12 15.36 -4.12
N ARG C 66 -15.32 15.24 -5.18
CA ARG C 66 -15.62 14.28 -6.24
C ARG C 66 -15.39 12.84 -5.77
N TYR C 67 -14.31 12.60 -5.03
CA TYR C 67 -13.87 11.24 -4.75
C TYR C 67 -14.10 10.79 -3.32
N THR C 68 -14.75 11.60 -2.48
CA THR C 68 -14.95 11.22 -1.09
C THR C 68 -15.87 10.02 -0.96
N ASN C 69 -16.92 9.96 -1.77
CA ASN C 69 -17.88 8.87 -1.71
C ASN C 69 -17.58 7.74 -2.69
N SER C 70 -16.51 7.84 -3.46
CA SER C 70 -16.10 6.74 -4.33
C SER C 70 -15.76 5.51 -3.49
N SER C 71 -16.06 4.32 -4.04
CA SER C 71 -15.95 3.10 -3.27
C SER C 71 -15.06 2.03 -3.89
N THR C 72 -14.48 2.28 -5.06
CA THR C 72 -13.69 1.23 -5.71
C THR C 72 -12.29 1.70 -6.10
N GLU C 73 -12.11 2.97 -6.41
CA GLU C 73 -10.81 3.48 -6.85
C GLU C 73 -10.85 5.00 -6.93
N ILE C 74 -9.77 5.64 -6.48
CA ILE C 74 -9.58 7.08 -6.63
C ILE C 74 -8.18 7.35 -7.14
N PRO C 75 -7.96 8.41 -7.91
CA PRO C 75 -6.61 8.75 -8.36
C PRO C 75 -5.84 9.51 -7.29
N GLU C 76 -4.54 9.64 -7.52
CA GLU C 76 -3.68 10.39 -6.62
C GLU C 76 -3.80 11.89 -6.89
N PHE C 77 -3.75 12.69 -5.83
CA PHE C 77 -3.72 14.13 -5.99
C PHE C 77 -2.30 14.58 -6.28
N PRO C 78 -2.02 15.14 -7.46
CA PRO C 78 -0.63 15.48 -7.81
C PRO C 78 -0.21 16.82 -7.25
N ILE C 79 1.04 16.89 -6.80
CA ILE C 79 1.63 18.10 -6.25
C ILE C 79 3.02 18.25 -6.82
N ALA C 80 3.24 19.29 -7.62
CA ALA C 80 4.55 19.55 -8.18
C ALA C 80 5.52 19.98 -7.07
N PRO C 81 6.81 19.65 -7.22
CA PRO C 81 7.77 20.00 -6.17
C PRO C 81 7.90 21.50 -5.90
N GLU C 82 7.67 22.33 -6.91
CA GLU C 82 7.88 23.77 -6.74
C GLU C 82 6.87 24.40 -5.80
N ILE C 83 5.65 23.86 -5.75
CA ILE C 83 4.59 24.44 -4.93
C ILE C 83 4.38 23.68 -3.63
N ALA C 84 5.15 22.62 -3.38
CA ALA C 84 4.87 21.72 -2.26
C ALA C 84 4.95 22.44 -0.92
N LEU C 85 5.95 23.30 -0.73
CA LEU C 85 6.11 23.97 0.55
C LEU C 85 5.08 25.06 0.76
N GLU C 86 4.83 25.88 -0.26
CA GLU C 86 3.79 26.90 -0.15
C GLU C 86 2.41 26.26 0.03
N LEU C 87 2.14 25.19 -0.72
CA LEU C 87 0.86 24.51 -0.58
C LEU C 87 0.71 23.88 0.80
N LEU C 88 1.81 23.36 1.36
CA LEU C 88 1.76 22.78 2.70
C LEU C 88 1.40 23.83 3.74
N MET C 89 1.92 25.04 3.58
CA MET C 89 1.62 26.11 4.54
C MET C 89 0.17 26.57 4.39
N ALA C 90 -0.33 26.67 3.16
CA ALA C 90 -1.74 27.00 2.96
C ALA C 90 -2.65 25.91 3.54
N ALA C 91 -2.30 24.65 3.30
CA ALA C 91 -3.10 23.55 3.85
C ALA C 91 -3.10 23.56 5.36
N ASN C 92 -2.00 23.98 5.98
CA ASN C 92 -1.95 24.09 7.44
C ASN C 92 -2.84 25.23 7.92
N PHE C 93 -2.81 26.38 7.23
CA PHE C 93 -3.61 27.51 7.63
C PHE C 93 -5.10 27.25 7.41
N LEU C 94 -5.44 26.57 6.33
CA LEU C 94 -6.84 26.35 5.96
C LEU C 94 -7.46 25.14 6.65
N ASP C 95 -6.67 24.33 7.35
CA ASP C 95 -7.14 23.14 8.07
C ASP C 95 -7.95 22.23 7.13
N CYS C 96 -7.22 21.66 6.16
CA CYS C 96 -7.83 20.76 5.20
C CYS C 96 -6.79 19.84 4.56
N VAL D 7 7.50 -42.37 25.14
CA VAL D 7 7.75 -41.17 24.34
C VAL D 7 7.45 -39.92 25.16
N LEU D 8 8.33 -38.92 25.05
CA LEU D 8 8.10 -37.61 25.65
C LEU D 8 7.38 -36.75 24.62
N LYS D 9 6.10 -36.47 24.87
CA LYS D 9 5.31 -35.63 23.97
C LYS D 9 5.53 -34.17 24.33
N PRO D 10 6.22 -33.39 23.49
CA PRO D 10 6.42 -31.98 23.82
C PRO D 10 5.09 -31.25 23.89
N ARG D 11 4.89 -30.51 24.99
CA ARG D 11 3.65 -29.79 25.18
C ARG D 11 3.61 -28.49 24.40
N THR D 12 4.75 -27.84 24.21
CA THR D 12 4.85 -26.62 23.43
C THR D 12 6.05 -26.72 22.49
N LEU D 13 6.17 -25.73 21.60
CA LEU D 13 7.36 -25.64 20.77
C LEU D 13 8.60 -25.37 21.61
N ALA D 14 8.47 -24.49 22.62
CA ALA D 14 9.59 -24.22 23.51
C ALA D 14 10.00 -25.47 24.27
N ASP D 15 9.02 -26.30 24.66
CA ASP D 15 9.34 -27.56 25.33
C ASP D 15 10.14 -28.47 24.41
N LEU D 16 9.72 -28.58 23.14
CA LEU D 16 10.45 -29.40 22.18
C LEU D 16 11.88 -28.91 22.01
N ILE D 17 12.08 -27.59 21.99
CA ILE D 17 13.41 -27.04 21.83
C ILE D 17 14.27 -27.33 23.05
N ARG D 18 13.69 -27.23 24.25
CA ARG D 18 14.42 -27.57 25.46
C ARG D 18 14.83 -29.03 25.47
N ILE D 19 13.92 -29.92 25.03
CA ILE D 19 14.23 -31.34 24.98
C ILE D 19 15.34 -31.61 23.97
N LEU D 20 15.30 -30.91 22.84
CA LEU D 20 16.32 -31.12 21.81
C LEU D 20 17.70 -30.70 22.29
N HIS D 21 17.78 -29.61 23.05
CA HIS D 21 19.06 -29.18 23.60
C HIS D 21 19.63 -30.22 24.55
N GLN D 22 18.76 -30.89 25.31
CA GLN D 22 19.22 -31.96 26.19
C GLN D 22 19.68 -33.17 25.39
N LEU D 23 18.92 -33.55 24.36
CA LEU D 23 19.27 -34.72 23.56
C LEU D 23 20.63 -34.57 22.91
N PHE D 24 20.90 -33.39 22.33
CA PHE D 24 22.17 -33.16 21.65
C PHE D 24 23.29 -32.77 22.60
N ALA D 25 23.00 -32.63 23.90
CA ALA D 25 24.06 -32.47 24.88
C ALA D 25 24.76 -33.79 25.20
N GLY D 26 24.08 -34.91 24.95
CA GLY D 26 24.65 -36.20 25.29
C GLY D 26 25.74 -36.63 24.32
N ASP D 27 26.52 -37.62 24.77
CA ASP D 27 27.56 -38.19 23.92
C ASP D 27 26.97 -38.75 22.64
N GLU D 28 25.82 -39.40 22.73
CA GLU D 28 25.26 -40.21 21.67
C GLU D 28 23.85 -39.73 21.39
N VAL D 29 23.61 -39.22 20.18
CA VAL D 29 22.29 -38.76 19.78
C VAL D 29 21.62 -39.85 18.95
N ASN D 30 20.43 -40.24 19.35
CA ASN D 30 19.68 -41.31 18.70
C ASN D 30 18.66 -40.68 17.75
N VAL D 31 18.87 -40.87 16.45
CA VAL D 31 18.05 -40.19 15.46
C VAL D 31 16.61 -40.69 15.50
N GLU D 32 16.38 -41.95 15.90
CA GLU D 32 15.03 -42.44 16.04
C GLU D 32 14.30 -41.69 17.16
N GLU D 33 15.02 -41.36 18.24
CA GLU D 33 14.40 -40.65 19.35
C GLU D 33 14.08 -39.20 18.99
N VAL D 34 14.99 -38.54 18.25
CA VAL D 34 14.75 -37.16 17.85
C VAL D 34 13.55 -37.08 16.92
N GLN D 35 13.49 -37.97 15.93
CA GLN D 35 12.40 -37.96 14.97
C GLN D 35 11.06 -38.20 15.65
N ALA D 36 11.03 -39.12 16.62
CA ALA D 36 9.78 -39.44 17.30
C ALA D 36 9.31 -38.28 18.18
N ILE D 37 10.25 -37.58 18.83
CA ILE D 37 9.88 -36.47 19.70
C ILE D 37 9.45 -35.26 18.88
N MET D 38 10.08 -35.06 17.72
CA MET D 38 9.66 -33.98 16.82
C MET D 38 8.28 -34.28 16.24
N GLU D 39 8.00 -35.54 15.92
CA GLU D 39 6.66 -35.92 15.47
C GLU D 39 5.62 -35.67 16.54
N ALA D 40 5.99 -35.93 17.80
CA ALA D 40 5.00 -35.89 18.88
C ALA D 40 4.52 -34.47 19.17
N TYR D 41 5.34 -33.46 18.89
CA TYR D 41 4.87 -32.08 19.03
C TYR D 41 3.76 -31.81 18.04
N GLU D 42 2.60 -31.40 18.54
CA GLU D 42 1.48 -31.04 17.69
C GLU D 42 1.60 -29.57 17.32
N SER D 43 1.70 -29.29 16.03
CA SER D 43 1.98 -27.94 15.55
C SER D 43 0.93 -26.95 16.05
N ASP D 44 1.39 -25.85 16.63
CA ASP D 44 0.52 -24.78 17.11
C ASP D 44 1.01 -23.47 16.49
N PRO D 45 0.27 -22.89 15.55
CA PRO D 45 0.74 -21.66 14.90
C PRO D 45 0.95 -20.50 15.86
N THR D 46 0.27 -20.48 17.00
CA THR D 46 0.47 -19.41 17.97
C THR D 46 1.85 -19.44 18.60
N GLU D 47 2.61 -20.53 18.44
CA GLU D 47 3.92 -20.66 19.05
C GLU D 47 5.07 -20.45 18.07
N TRP D 48 4.79 -20.40 16.76
CA TRP D 48 5.86 -20.20 15.79
C TRP D 48 5.52 -19.20 14.70
N ALA D 49 4.41 -18.46 14.82
CA ALA D 49 3.99 -17.55 13.75
C ALA D 49 5.03 -16.48 13.47
N MET D 50 5.73 -16.01 14.51
CA MET D 50 6.74 -14.96 14.32
C MET D 50 7.85 -15.37 13.37
N TYR D 51 8.02 -16.67 13.12
CA TYR D 51 9.03 -17.17 12.21
C TYR D 51 8.49 -17.41 10.80
N ALA D 52 7.18 -17.34 10.61
CA ALA D 52 6.57 -17.59 9.31
C ALA D 52 6.61 -16.30 8.50
N LYS D 53 7.69 -16.11 7.76
CA LYS D 53 7.86 -14.97 6.87
C LYS D 53 8.00 -15.49 5.45
N PHE D 54 7.14 -15.03 4.56
CA PHE D 54 7.03 -15.57 3.21
C PHE D 54 7.63 -14.61 2.18
N ASP D 55 8.01 -15.19 1.05
CA ASP D 55 8.42 -14.47 -0.13
C ASP D 55 7.56 -14.92 -1.30
N GLN D 56 7.26 -14.00 -2.21
CA GLN D 56 6.31 -14.30 -3.28
C GLN D 56 6.87 -15.32 -4.26
N TYR D 57 8.18 -15.27 -4.52
CA TYR D 57 8.77 -16.04 -5.61
C TYR D 57 9.68 -17.17 -5.15
N ARG D 58 10.03 -17.23 -3.87
CA ARG D 58 10.96 -18.25 -3.40
C ARG D 58 10.64 -18.59 -1.95
N TYR D 59 11.06 -19.78 -1.53
CA TYR D 59 10.88 -20.17 -0.14
C TYR D 59 11.91 -19.48 0.74
N THR D 60 11.58 -19.31 2.01
CA THR D 60 12.40 -18.56 2.94
C THR D 60 12.96 -19.49 4.02
N ARG D 61 14.19 -19.18 4.45
CA ARG D 61 14.84 -19.89 5.54
C ARG D 61 14.95 -18.94 6.73
N ASN D 62 14.31 -19.30 7.83
CA ASN D 62 14.21 -18.43 9.01
C ASN D 62 14.82 -19.15 10.19
N LEU D 63 16.00 -18.70 10.61
CA LEU D 63 16.71 -19.36 11.70
C LEU D 63 15.99 -19.13 13.03
N VAL D 64 15.83 -20.20 13.80
CA VAL D 64 15.12 -20.16 15.06
C VAL D 64 16.07 -20.32 16.25
N ASP D 65 17.00 -21.26 16.17
CA ASP D 65 17.92 -21.54 17.26
C ASP D 65 19.23 -22.05 16.69
N GLN D 66 20.34 -21.59 17.26
CA GLN D 66 21.68 -22.01 16.83
C GLN D 66 22.22 -23.18 17.65
N GLY D 67 21.45 -23.68 18.60
CA GLY D 67 21.69 -24.98 19.21
C GLY D 67 23.05 -25.17 19.85
N ASN D 68 23.64 -24.11 20.42
CA ASN D 68 24.93 -24.19 21.11
C ASN D 68 26.03 -24.73 20.21
N GLY D 69 25.96 -24.42 18.91
CA GLY D 69 26.92 -24.90 17.94
C GLY D 69 26.81 -26.36 17.58
N LYS D 70 25.93 -27.12 18.24
CA LYS D 70 25.80 -28.55 17.96
C LYS D 70 24.75 -28.84 16.91
N PHE D 71 23.66 -28.07 16.87
CA PHE D 71 22.64 -28.26 15.85
C PHE D 71 22.05 -26.91 15.48
N ASN D 72 21.36 -26.90 14.33
CA ASN D 72 20.67 -25.72 13.84
C ASN D 72 19.18 -26.00 13.78
N LEU D 73 18.38 -25.00 14.13
CA LEU D 73 16.93 -25.10 14.08
C LEU D 73 16.40 -23.92 13.28
N MET D 74 15.66 -24.21 12.21
CA MET D 74 15.17 -23.17 11.32
C MET D 74 13.81 -23.56 10.79
N ILE D 75 13.01 -22.56 10.44
CA ILE D 75 11.68 -22.74 9.87
C ILE D 75 11.70 -22.26 8.43
N LEU D 76 11.26 -23.13 7.52
CA LEU D 76 11.19 -22.82 6.10
C LEU D 76 9.73 -22.67 5.70
N CYS D 77 9.45 -21.64 4.92
CA CYS D 77 8.09 -21.28 4.52
C CYS D 77 7.97 -21.33 3.00
N TRP D 78 7.00 -22.08 2.51
CA TRP D 78 6.88 -22.41 1.10
C TRP D 78 5.61 -21.78 0.54
N GLY D 79 5.78 -20.92 -0.46
CA GLY D 79 4.65 -20.43 -1.22
C GLY D 79 4.09 -21.51 -2.12
N GLU D 80 3.01 -21.16 -2.81
CA GLU D 80 2.38 -22.08 -3.75
C GLU D 80 3.34 -22.43 -4.87
N GLY D 81 3.67 -23.71 -5.01
CA GLY D 81 4.57 -24.17 -6.04
C GLY D 81 6.04 -24.00 -5.75
N HIS D 82 6.40 -23.52 -4.56
CA HIS D 82 7.81 -23.31 -4.22
C HIS D 82 8.49 -24.63 -3.92
N GLY D 83 9.75 -24.77 -4.33
CA GLY D 83 10.47 -26.00 -4.16
C GLY D 83 11.96 -25.78 -4.00
N SER D 84 12.63 -26.82 -3.51
CA SER D 84 14.06 -26.80 -3.30
C SER D 84 14.79 -27.29 -4.56
N SER D 85 16.11 -27.16 -4.53
CA SER D 85 16.95 -27.84 -5.50
C SER D 85 17.31 -29.22 -4.96
N ILE D 86 17.93 -30.03 -5.81
CA ILE D 86 18.47 -31.32 -5.37
C ILE D 86 19.77 -31.04 -4.64
N HIS D 87 19.81 -31.36 -3.34
CA HIS D 87 20.93 -30.97 -2.50
C HIS D 87 21.36 -32.12 -1.61
N ASP D 88 22.65 -32.10 -1.25
CA ASP D 88 23.18 -32.98 -0.21
C ASP D 88 23.10 -32.25 1.12
N HIS D 89 23.65 -32.87 2.17
CA HIS D 89 23.51 -32.31 3.52
C HIS D 89 24.84 -32.23 4.23
N THR D 90 25.94 -32.16 3.49
CA THR D 90 27.29 -31.97 4.03
C THR D 90 27.56 -32.91 5.19
N ASN D 91 27.18 -34.18 5.00
CA ASN D 91 27.33 -35.24 5.99
C ASN D 91 26.86 -34.79 7.38
N SER D 92 25.60 -34.39 7.44
CA SER D 92 24.94 -34.02 8.68
C SER D 92 23.53 -34.57 8.70
N HIS D 93 23.05 -34.89 9.89
CA HIS D 93 21.67 -35.33 10.03
C HIS D 93 20.73 -34.17 9.74
N CYS D 94 19.58 -34.49 9.15
CA CYS D 94 18.60 -33.47 8.79
C CYS D 94 17.20 -34.00 9.09
N PHE D 95 16.50 -33.31 9.97
CA PHE D 95 15.13 -33.65 10.32
C PHE D 95 14.19 -32.59 9.76
N LEU D 96 13.04 -33.02 9.26
CA LEU D 96 12.07 -32.14 8.62
C LEU D 96 10.69 -32.49 9.16
N LYS D 97 10.11 -31.58 9.94
CA LYS D 97 8.76 -31.76 10.46
C LYS D 97 7.84 -30.72 9.84
N MET D 98 6.64 -31.17 9.46
CA MET D 98 5.64 -30.27 8.90
C MET D 98 4.90 -29.54 10.00
N LEU D 99 4.87 -28.21 9.91
CA LEU D 99 4.07 -27.40 10.82
C LEU D 99 2.73 -26.99 10.21
N GLN D 100 2.67 -26.85 8.88
CA GLN D 100 1.45 -26.48 8.19
C GLN D 100 1.59 -26.87 6.73
N GLY D 101 0.50 -27.37 6.16
CA GLY D 101 0.52 -27.77 4.76
C GLY D 101 1.22 -29.09 4.54
N ASN D 102 1.71 -29.27 3.32
CA ASN D 102 2.36 -30.52 2.92
C ASN D 102 3.51 -30.22 1.99
N LEU D 103 4.54 -31.07 2.06
CA LEU D 103 5.65 -31.03 1.13
C LEU D 103 5.81 -32.42 0.51
N LYS D 104 6.16 -32.46 -0.77
CA LYS D 104 6.45 -33.70 -1.45
C LYS D 104 7.98 -33.88 -1.52
N GLU D 105 8.48 -34.86 -0.79
CA GLU D 105 9.90 -35.20 -0.83
C GLU D 105 10.14 -36.24 -1.91
N THR D 106 11.11 -35.98 -2.78
CA THR D 106 11.51 -36.93 -3.81
C THR D 106 13.00 -37.24 -3.62
N LEU D 107 13.29 -38.51 -3.35
CA LEU D 107 14.66 -38.94 -3.07
C LEU D 107 15.37 -39.32 -4.36
N PHE D 108 16.66 -38.99 -4.44
CA PHE D 108 17.47 -39.28 -5.61
C PHE D 108 18.74 -39.99 -5.17
N ALA D 109 19.26 -40.82 -6.07
CA ALA D 109 20.54 -41.49 -5.87
C ALA D 109 21.68 -40.55 -6.30
N TRP D 110 22.84 -40.75 -5.69
CA TRP D 110 23.99 -39.95 -6.05
C TRP D 110 24.34 -40.18 -7.53
N PRO D 111 24.78 -39.15 -8.24
CA PRO D 111 25.01 -39.30 -9.68
C PRO D 111 26.24 -40.16 -9.96
N ASP D 112 26.18 -40.90 -11.06
CA ASP D 112 27.37 -41.51 -11.63
C ASP D 112 28.23 -40.39 -12.21
N LYS D 113 29.48 -40.68 -12.57
CA LYS D 113 30.30 -39.63 -13.15
C LYS D 113 30.04 -39.43 -14.63
N LYS D 114 29.32 -40.34 -15.29
CA LYS D 114 28.81 -40.08 -16.62
C LYS D 114 27.60 -39.15 -16.54
N SER D 115 27.45 -38.28 -17.53
CA SER D 115 26.51 -37.16 -17.43
C SER D 115 25.14 -37.58 -17.95
N ASN D 116 24.34 -38.20 -17.06
CA ASN D 116 22.99 -38.57 -17.46
C ASN D 116 22.02 -38.45 -16.30
N GLU D 117 20.74 -38.56 -16.66
CA GLU D 117 19.61 -38.26 -15.80
C GLU D 117 19.69 -38.98 -14.47
N MET D 118 19.62 -38.22 -13.37
CA MET D 118 19.57 -38.80 -12.05
C MET D 118 18.28 -39.57 -11.86
N VAL D 119 18.34 -40.62 -11.05
CA VAL D 119 17.22 -41.55 -10.89
C VAL D 119 16.47 -41.24 -9.61
N LYS D 120 15.14 -41.28 -9.69
CA LYS D 120 14.27 -41.10 -8.54
C LYS D 120 14.10 -42.44 -7.86
N LYS D 121 14.66 -42.59 -6.67
CA LYS D 121 14.51 -43.85 -5.95
C LYS D 121 13.12 -43.97 -5.31
N SER D 122 12.60 -42.89 -4.76
CA SER D 122 11.22 -42.88 -4.28
C SER D 122 10.72 -41.45 -4.18
N GLU D 123 9.50 -41.32 -3.68
CA GLU D 123 8.68 -40.13 -3.82
C GLU D 123 7.52 -40.20 -2.85
N ARG D 124 7.35 -39.18 -2.00
CA ARG D 124 6.26 -39.21 -1.03
C ARG D 124 5.88 -37.81 -0.62
N VAL D 125 4.70 -37.70 -0.01
CA VAL D 125 4.15 -36.43 0.47
C VAL D 125 4.07 -36.51 1.98
N LEU D 126 4.76 -35.58 2.65
CA LEU D 126 4.77 -35.55 4.11
C LEU D 126 3.51 -34.84 4.61
N ARG D 127 2.69 -35.56 5.36
CA ARG D 127 1.53 -34.95 5.98
C ARG D 127 1.96 -34.07 7.15
N GLU D 128 1.05 -33.20 7.59
CA GLU D 128 1.40 -32.23 8.62
C GLU D 128 1.54 -32.91 9.97
N ASN D 129 2.53 -32.48 10.74
CA ASN D 129 3.03 -33.02 12.01
C ASN D 129 3.95 -34.23 11.79
N GLN D 130 4.04 -34.77 10.58
CA GLN D 130 4.99 -35.84 10.30
C GLN D 130 6.40 -35.27 10.25
N CYS D 131 7.37 -36.07 10.69
CA CYS D 131 8.78 -35.69 10.70
C CYS D 131 9.58 -36.72 9.92
N ALA D 132 10.30 -36.25 8.91
CA ALA D 132 11.17 -37.09 8.10
C ALA D 132 12.61 -36.94 8.53
N TYR D 133 13.44 -37.88 8.09
CA TYR D 133 14.87 -37.86 8.38
C TYR D 133 15.64 -38.21 7.12
N ILE D 134 16.81 -37.59 6.97
CA ILE D 134 17.66 -37.82 5.82
C ILE D 134 19.10 -37.48 6.19
N ASN D 135 20.04 -38.19 5.58
CA ASN D 135 21.44 -37.82 5.55
C ASN D 135 21.99 -38.19 4.18
N ASP D 136 23.29 -37.96 4.00
CA ASP D 136 23.91 -38.31 2.72
C ASP D 136 23.90 -39.82 2.46
N SER D 137 23.81 -40.63 3.51
CA SER D 137 23.86 -42.08 3.34
C SER D 137 22.57 -42.62 2.74
N ILE D 138 21.44 -41.95 2.95
CA ILE D 138 20.19 -42.39 2.34
C ILE D 138 19.99 -41.75 0.97
N GLY D 139 20.61 -40.62 0.69
CA GLY D 139 20.67 -40.10 -0.65
C GLY D 139 20.41 -38.61 -0.69
N LEU D 140 20.23 -38.11 -1.90
CA LEU D 140 19.85 -36.73 -2.13
C LEU D 140 18.34 -36.62 -2.22
N HIS D 141 17.82 -35.42 -1.93
CA HIS D 141 16.39 -35.21 -2.00
C HIS D 141 16.09 -33.81 -2.50
N ARG D 142 14.81 -33.59 -2.77
CA ARG D 142 14.26 -32.30 -3.15
C ARG D 142 12.85 -32.22 -2.62
N VAL D 143 12.50 -31.09 -2.01
CA VAL D 143 11.18 -30.93 -1.43
C VAL D 143 10.45 -29.82 -2.18
N GLU D 144 9.12 -29.99 -2.29
CA GLU D 144 8.28 -29.10 -3.06
C GLU D 144 6.95 -28.92 -2.35
N ASN D 145 6.38 -27.73 -2.44
CA ASN D 145 4.99 -27.52 -2.06
C ASN D 145 4.16 -27.63 -3.34
N ILE D 146 3.54 -28.79 -3.54
CA ILE D 146 2.77 -29.02 -4.76
C ILE D 146 1.39 -28.41 -4.73
N SER D 147 0.95 -27.91 -3.57
CA SER D 147 -0.34 -27.25 -3.48
C SER D 147 -0.38 -26.01 -4.36
N HIS D 148 -1.46 -25.85 -5.11
CA HIS D 148 -1.67 -24.64 -5.90
C HIS D 148 -2.32 -23.53 -5.09
N THR D 149 -2.86 -23.83 -3.92
CA THR D 149 -3.62 -22.87 -3.14
C THR D 149 -3.11 -22.66 -1.71
N GLU D 150 -2.33 -23.59 -1.17
CA GLU D 150 -1.97 -23.50 0.23
C GLU D 150 -0.46 -23.34 0.40
N PRO D 151 -0.02 -22.58 1.39
CA PRO D 151 1.41 -22.52 1.72
C PRO D 151 1.83 -23.76 2.51
N ALA D 152 3.14 -23.87 2.69
CA ALA D 152 3.72 -24.93 3.51
C ALA D 152 4.74 -24.33 4.47
N VAL D 153 4.72 -24.80 5.71
CA VAL D 153 5.67 -24.37 6.73
C VAL D 153 6.28 -25.62 7.36
N SER D 154 7.60 -25.65 7.43
CA SER D 154 8.32 -26.83 7.92
C SER D 154 9.39 -26.42 8.92
N LEU D 155 9.65 -27.32 9.86
CA LEU D 155 10.66 -27.14 10.90
C LEU D 155 11.83 -28.07 10.62
N HIS D 156 13.02 -27.50 10.46
CA HIS D 156 14.21 -28.24 10.06
C HIS D 156 15.24 -28.23 11.18
N LEU D 157 15.84 -29.39 11.42
CA LEU D 157 16.93 -29.54 12.38
C LEU D 157 18.12 -30.16 11.65
N TYR D 158 19.26 -29.47 11.70
CA TYR D 158 20.48 -29.93 11.05
C TYR D 158 21.59 -30.01 12.09
N SER D 159 22.23 -31.18 12.16
CA SER D 159 23.33 -31.40 13.09
C SER D 159 24.41 -32.25 12.44
N PRO D 160 25.64 -31.74 12.29
CA PRO D 160 26.06 -30.37 12.64
C PRO D 160 25.47 -29.31 11.71
N PRO D 161 25.40 -28.06 12.18
CA PRO D 161 24.92 -26.99 11.31
C PRO D 161 25.87 -26.78 10.14
N PHE D 162 25.29 -26.48 8.98
CA PHE D 162 26.07 -26.25 7.78
C PHE D 162 25.45 -25.11 6.99
N ASP D 163 26.30 -24.22 6.50
CA ASP D 163 25.87 -23.12 5.64
C ASP D 163 26.13 -23.41 4.17
N THR D 164 26.91 -24.46 3.87
CA THR D 164 27.25 -24.83 2.51
C THR D 164 26.67 -26.20 2.19
N CYS D 165 26.31 -26.38 0.92
CA CYS D 165 25.97 -27.69 0.39
C CYS D 165 26.13 -27.64 -1.13
N HIS D 166 25.62 -28.66 -1.81
CA HIS D 166 25.78 -28.80 -3.25
C HIS D 166 24.41 -28.96 -3.91
N ALA D 167 24.16 -28.12 -4.91
CA ALA D 167 22.98 -28.27 -5.76
C ALA D 167 23.31 -29.17 -6.94
N PHE D 168 22.32 -29.95 -7.37
CA PHE D 168 22.53 -30.96 -8.40
C PHE D 168 21.54 -30.72 -9.53
N ASP D 169 22.06 -30.53 -10.74
CA ASP D 169 21.22 -30.57 -11.92
C ASP D 169 20.73 -32.00 -12.15
N GLN D 170 19.43 -32.15 -12.39
CA GLN D 170 18.89 -33.46 -12.72
C GLN D 170 19.13 -33.83 -14.18
N ARG D 171 19.31 -32.84 -15.07
CA ARG D 171 19.78 -33.15 -16.42
C ARG D 171 21.04 -34.00 -16.36
N THR D 172 22.01 -33.54 -15.58
CA THR D 172 23.40 -33.98 -15.66
C THR D 172 23.83 -34.84 -14.48
N GLY D 173 23.48 -34.42 -13.26
CA GLY D 173 24.18 -34.87 -12.08
C GLY D 173 25.34 -33.98 -11.69
N HIS D 174 25.72 -33.03 -12.52
CA HIS D 174 26.83 -32.13 -12.22
C HIS D 174 26.47 -31.27 -11.02
N LYS D 175 27.43 -31.06 -10.14
CA LYS D 175 27.21 -30.28 -8.94
C LYS D 175 27.53 -28.81 -9.19
N ASN D 176 27.23 -27.99 -8.18
CA ASN D 176 27.79 -26.66 -8.04
C ASN D 176 27.48 -26.19 -6.62
N LYS D 177 28.48 -25.62 -5.96
CA LYS D 177 28.37 -25.32 -4.54
C LYS D 177 27.46 -24.13 -4.29
N VAL D 178 26.68 -24.21 -3.21
CA VAL D 178 25.75 -23.16 -2.83
C VAL D 178 25.97 -22.84 -1.35
N THR D 179 25.98 -21.56 -1.03
CA THR D 179 25.94 -21.09 0.35
C THR D 179 24.54 -20.55 0.62
N MET D 180 23.96 -20.96 1.74
CA MET D 180 22.55 -20.76 2.01
C MET D 180 22.31 -19.55 2.90
N THR D 181 21.47 -18.64 2.44
CA THR D 181 21.14 -17.40 3.12
C THR D 181 20.00 -17.62 4.11
N PHE D 182 19.71 -16.58 4.89
CA PHE D 182 18.60 -16.57 5.83
C PHE D 182 17.70 -15.38 5.54
N HIS D 183 16.41 -15.64 5.34
CA HIS D 183 15.45 -14.55 5.20
C HIS D 183 15.29 -13.79 6.50
N SER D 184 15.42 -14.48 7.64
CA SER D 184 15.31 -13.84 8.93
C SER D 184 16.11 -14.65 9.95
N LYS D 185 16.43 -14.01 11.07
CA LYS D 185 17.09 -14.66 12.20
C LYS D 185 16.35 -14.26 13.47
N PHE D 186 15.85 -15.27 14.20
CA PHE D 186 15.19 -15.05 15.49
C PHE D 186 13.98 -14.12 15.35
N GLY D 187 13.29 -14.19 14.21
CA GLY D 187 12.11 -13.38 13.99
C GLY D 187 12.38 -12.00 13.43
N ILE D 188 13.63 -11.68 13.10
CA ILE D 188 14.00 -10.36 12.60
C ILE D 188 14.46 -10.50 11.16
N ARG D 189 13.88 -9.69 10.28
CA ARG D 189 14.26 -9.71 8.87
C ARG D 189 15.73 -9.36 8.70
N THR D 190 16.44 -10.14 7.90
CA THR D 190 17.88 -9.97 7.67
C THR D 190 18.15 -9.90 6.18
N PRO D 191 18.12 -8.71 5.58
CA PRO D 191 18.43 -8.55 4.15
C PRO D 191 19.92 -8.50 3.89
C2 A1ACI E . -1.67 -16.88 6.09
C3 A1ACI E . -2.05 -15.39 6.04
C12 A1ACI E . -0.72 -18.69 9.39
C14 A1ACI E . 0.81 -18.68 9.64
C15 A1ACI E . 1.39 -17.29 9.35
C16 A1ACI E . 1.03 -19.02 11.11
C17 A1ACI E . 1.56 -19.71 8.78
C18 A1ACI E . -2.39 -20.16 10.52
C19 A1ACI E . -2.84 -21.58 10.73
C21 A1ACI E . 0.30 -17.56 2.86
C22 A1ACI E . 0.43 -16.33 2.01
C23 A1ACI E . -0.53 -15.36 2.13
C24 A1ACI E . 1.52 -16.17 1.13
C25 A1ACI E . 1.61 -14.99 0.37
C26 A1ACI E . 0.60 -13.99 0.51
C27 A1ACI E . -0.44 -14.18 1.36
C28 A1ACI E . 0.67 -12.75 -0.24
C29 A1ACI E . 0.57 -11.43 0.20
C30 A1ACI E . 0.69 -10.62 -0.97
C10 A1ACI E . -1.08 -18.43 7.91
C33 A1ACI E . 2.53 -17.16 0.99
C34 A1ACI E . 3.57 -16.97 0.12
C35 A1ACI E . 3.66 -15.78 -0.64
C36 A1ACI E . 2.71 -14.82 -0.51
C4 A1ACI E . -2.69 -15.17 7.41
C5 A1ACI E . -1.83 -16.04 8.36
C6 A1ACI E . -0.47 -17.09 5.15
N1 A1ACI E . -1.32 -17.13 7.49
N13 A1ACI E . -1.28 -20.00 9.69
N31 A1ACI E . 0.85 -11.40 -2.08
N32 A1ACI E . 0.84 -12.68 -1.63
N9 A1ACI E . -0.78 -17.35 3.83
O11 A1ACI E . -1.16 -19.34 7.08
O20 A1ACI E . -2.96 -19.20 11.02
O7 A1ACI E . -4.03 -15.53 7.45
O8 A1ACI E . 0.69 -17.04 5.56
C1 CIT F . -1.45 -8.66 -12.83
O1 CIT F . -0.25 -8.77 -13.16
O2 CIT F . -2.17 -7.88 -13.50
C2 CIT F . -1.99 -9.46 -11.66
C3 CIT F . -3.35 -10.08 -11.96
O7 CIT F . -3.64 -11.10 -10.96
C4 CIT F . -4.46 -9.03 -11.95
C5 CIT F . -5.80 -9.67 -11.71
O3 CIT F . -6.84 -9.11 -12.11
O4 CIT F . -5.90 -10.78 -11.11
C6 CIT F . -3.29 -10.75 -13.33
O5 CIT F . -3.76 -10.17 -14.33
O6 CIT F . -2.74 -11.86 -13.47
FE FE2 G . 17.54 -31.09 2.64
#